data_3OYC
#
_entry.id   3OYC
#
_cell.length_a   159.960
_cell.length_b   159.960
_cell.length_c   123.770
_cell.angle_alpha   90.000
_cell.angle_beta   90.000
_cell.angle_gamma   90.000
#
_symmetry.space_group_name_H-M   'P 41 21 2'
#
loop_
_entity.id
_entity.type
_entity.pdbx_description
1 polymer 'PFV integrase'
2 polymer "DNA (5'-D(*AP*TP*TP*GP*TP*CP*AP*TP*GP*GP*AP*AP*TP*TP*TP*CP*GP*CP*A)-3')"
3 polymer "DNA (5'-D(*TP*GP*CP*GP*AP*AP*AP*TP*TP*CP*CP*AP*TP*GP*AP*CP*A)-3')"
4 non-polymer 'ZINC ION'
5 non-polymer 'SULFATE ION'
6 non-polymer GLYCEROL
7 non-polymer 'AMMONIUM ION'
8 non-polymer 'MAGNESIUM ION'
9 non-polymer 9-(4-fluorobenzyl)-N-hydroxy-9H-beta-carboline-3-carboxamide
10 water water
#
loop_
_entity_poly.entity_id
_entity_poly.type
_entity_poly.pdbx_seq_one_letter_code
_entity_poly.pdbx_strand_id
1 'polypeptide(L)'
;GPGCNTKKPNLDAELDQLLQGHYIKGYPKQYTYFLEDGKVKVSRPEGVKIIPPQSDRQKIVLQAHNLAHTGREATLLKIA
NLYWWPNMRKDVVKQLGRCQQCLITNASNKASGPILRPDRPQKPFDKFFIDYIGPLPPSQGYLYVLVVVDGMTGFTWLYP
TKAPSTSATVKSLNVLTSIAIPKVIHSDQGAAFTSSTFAEWAKERGIHLEFSTPYHPQSSGKVERKNSDIKRLLTKLLVG
RPTKWYDLLPVVQLALNNTYSPVLKYTPHQLLFGIDSNTPFANQDTLDLTREEELSLLQEIRTSLYHPSTPPASSRSWSP
VVGQLVQERVARPASLRPRWHKPSTVLKVLNPRTVVILDHLGNNRTVSIDNLKPTSHQNGTTNDTATMDHLEKNE
;
A,B
2 'polydeoxyribonucleotide' (DA)(DT)(DT)(DG)(DT)(DC)(DA)(DT)(DG)(DG)(DA)(DA)(DT)(DT)(DT)(DC)(DG)(DC)(DA) C
3 'polydeoxyribonucleotide' (DT)(DG)(DC)(DG)(DA)(DA)(DA)(DT)(DT)(DC)(DC)(DA)(DT)(DG)(DA)(DC)(DA) D
#
# COMPACT_ATOMS: atom_id res chain seq x y z
N LEU A 11 47.04 -25.94 30.86
CA LEU A 11 48.09 -24.88 30.96
C LEU A 11 49.50 -25.50 31.20
N ASP A 12 50.09 -25.20 32.37
CA ASP A 12 51.48 -25.59 32.69
C ASP A 12 51.68 -27.10 32.89
N ALA A 13 50.65 -27.78 33.38
CA ALA A 13 50.68 -29.24 33.55
C ALA A 13 50.75 -29.94 32.18
N GLU A 14 49.84 -29.56 31.29
CA GLU A 14 49.82 -30.05 29.90
C GLU A 14 51.17 -29.92 29.23
N LEU A 15 51.77 -28.73 29.35
CA LEU A 15 53.04 -28.44 28.69
C LEU A 15 54.21 -29.17 29.33
N ASP A 16 54.11 -29.43 30.63
CA ASP A 16 55.14 -30.15 31.36
C ASP A 16 55.20 -31.58 30.83
N GLN A 17 54.07 -32.28 30.97
CA GLN A 17 53.92 -33.66 30.48
C GLN A 17 54.31 -33.80 29.02
N LEU A 18 54.25 -32.69 28.30
CA LEU A 18 54.61 -32.65 26.90
C LEU A 18 56.13 -32.67 26.73
N LEU A 19 56.82 -31.86 27.52
CA LEU A 19 58.26 -31.66 27.35
C LEU A 19 59.09 -32.92 27.56
N GLN A 20 58.59 -33.82 28.40
CA GLN A 20 59.27 -35.08 28.69
C GLN A 20 58.92 -36.20 27.68
N GLY A 21 58.39 -35.83 26.53
CA GLY A 21 58.12 -36.75 25.43
C GLY A 21 56.86 -37.61 25.50
N HIS A 22 55.98 -37.34 26.49
CA HIS A 22 54.67 -38.02 26.56
C HIS A 22 53.65 -37.41 25.58
N TYR A 23 52.76 -38.25 25.05
CA TYR A 23 51.76 -37.82 24.06
C TYR A 23 50.54 -37.16 24.69
N ILE A 24 50.23 -35.93 24.26
CA ILE A 24 48.96 -35.27 24.64
C ILE A 24 48.04 -35.12 23.43
N LYS A 25 46.76 -35.41 23.62
CA LYS A 25 45.79 -35.31 22.52
C LYS A 25 45.72 -33.88 22.02
N GLY A 26 45.92 -33.73 20.72
CA GLY A 26 45.96 -32.41 20.11
C GLY A 26 47.35 -32.05 19.58
N TYR A 27 48.39 -32.44 20.32
CA TYR A 27 49.76 -32.12 19.96
C TYR A 27 50.40 -33.29 19.21
N PRO A 28 50.55 -33.17 17.89
CA PRO A 28 51.08 -34.27 17.08
C PRO A 28 52.42 -34.77 17.62
N LYS A 29 52.60 -36.09 17.64
CA LYS A 29 53.77 -36.71 18.31
C LYS A 29 55.08 -36.59 17.54
N GLN A 30 54.97 -36.32 16.24
CA GLN A 30 56.13 -36.35 15.33
C GLN A 30 57.01 -35.10 15.30
N TYR A 31 56.61 -34.03 15.98
CA TYR A 31 57.42 -32.82 16.04
C TYR A 31 58.15 -32.78 17.36
N THR A 32 59.30 -32.11 17.39
CA THR A 32 60.06 -32.00 18.64
C THR A 32 59.66 -30.73 19.40
N TYR A 33 59.27 -30.92 20.66
CA TYR A 33 58.86 -29.85 21.58
C TYR A 33 59.95 -29.59 22.63
N PHE A 34 60.34 -28.33 22.82
CA PHE A 34 61.45 -28.04 23.74
C PHE A 34 61.31 -26.74 24.56
N LEU A 35 62.25 -26.53 25.48
CA LEU A 35 62.31 -25.31 26.29
C LEU A 35 63.45 -24.40 25.83
N GLU A 36 63.22 -23.09 25.87
CA GLU A 36 64.16 -22.08 25.40
C GLU A 36 63.63 -20.69 25.79
N ASP A 37 64.51 -19.86 26.34
CA ASP A 37 64.16 -18.52 26.86
C ASP A 37 63.05 -18.55 27.91
N GLY A 38 62.75 -19.74 28.44
CA GLY A 38 61.71 -19.91 29.46
C GLY A 38 60.32 -20.19 28.89
N LYS A 39 60.27 -20.56 27.61
CA LYS A 39 59.02 -20.75 26.90
C LYS A 39 59.03 -22.08 26.13
N VAL A 40 57.89 -22.77 26.11
CA VAL A 40 57.77 -24.02 25.35
C VAL A 40 57.69 -23.73 23.86
N LYS A 41 58.56 -24.34 23.06
CA LYS A 41 58.56 -24.11 21.63
C LYS A 41 58.33 -25.40 20.88
N VAL A 42 58.19 -25.30 19.56
CA VAL A 42 58.01 -26.46 18.70
C VAL A 42 58.51 -26.10 17.31
N SER A 43 59.06 -27.09 16.61
CA SER A 43 59.64 -26.86 15.29
C SER A 43 58.71 -27.34 14.19
N ARG A 44 57.95 -26.41 13.64
CA ARG A 44 56.95 -26.72 12.63
C ARG A 44 57.46 -26.36 11.23
N PRO A 45 56.92 -27.01 10.17
CA PRO A 45 57.43 -26.77 8.83
C PRO A 45 57.75 -25.29 8.55
N GLU A 46 56.86 -24.38 8.90
CA GLU A 46 57.03 -22.95 8.57
C GLU A 46 58.08 -22.26 9.46
N GLY A 47 58.36 -22.85 10.62
CA GLY A 47 59.37 -22.34 11.55
C GLY A 47 59.11 -22.74 12.99
N VAL A 48 59.78 -22.06 13.92
CA VAL A 48 59.67 -22.37 15.34
C VAL A 48 58.65 -21.44 15.99
N LYS A 49 57.63 -22.00 16.64
CA LYS A 49 56.61 -21.18 17.27
C LYS A 49 56.53 -21.42 18.77
N ILE A 50 56.17 -20.39 19.52
CA ILE A 50 55.92 -20.53 20.94
C ILE A 50 54.55 -21.18 21.17
N ILE A 51 54.50 -22.22 22.00
CA ILE A 51 53.23 -22.79 22.43
C ILE A 51 52.86 -22.17 23.77
N PRO A 52 51.94 -21.20 23.76
CA PRO A 52 51.59 -20.69 25.07
C PRO A 52 50.73 -21.67 25.86
N PRO A 53 50.81 -21.61 27.21
CA PRO A 53 49.93 -22.38 28.07
C PRO A 53 48.49 -21.99 27.83
N GLN A 54 47.60 -22.98 27.83
CA GLN A 54 46.18 -22.76 27.57
C GLN A 54 45.63 -21.52 28.28
N SER A 55 46.12 -21.27 29.49
CA SER A 55 45.65 -20.14 30.31
C SER A 55 46.05 -18.77 29.76
N ASP A 56 46.88 -18.76 28.73
CA ASP A 56 47.36 -17.53 28.12
C ASP A 56 46.68 -17.23 26.77
N ARG A 57 46.06 -18.26 26.19
CA ARG A 57 45.59 -18.24 24.81
C ARG A 57 44.44 -17.28 24.54
N GLN A 58 43.44 -17.26 25.41
CA GLN A 58 42.37 -16.30 25.23
C GLN A 58 42.94 -14.89 25.10
N LYS A 59 43.88 -14.51 25.97
CA LYS A 59 44.49 -13.17 25.97
C LYS A 59 45.21 -12.85 24.66
N ILE A 60 45.80 -13.88 24.07
CA ILE A 60 46.58 -13.72 22.86
C ILE A 60 45.66 -13.45 21.68
N VAL A 61 44.63 -14.30 21.54
CA VAL A 61 43.64 -14.18 20.48
C VAL A 61 43.01 -12.80 20.54
N LEU A 62 42.76 -12.34 21.74
CA LEU A 62 42.15 -11.06 21.97
C LEU A 62 43.07 -9.91 21.52
N GLN A 63 44.35 -9.99 21.85
CA GLN A 63 45.31 -8.98 21.43
C GLN A 63 45.42 -8.95 19.90
N ALA A 64 45.49 -10.12 19.30
CA ALA A 64 45.59 -10.22 17.86
C ALA A 64 44.35 -9.60 17.22
N HIS A 65 43.17 -10.04 17.68
CA HIS A 65 41.92 -9.52 17.14
C HIS A 65 41.79 -8.00 17.30
N ASN A 66 42.19 -7.47 18.44
CA ASN A 66 41.95 -6.05 18.70
C ASN A 66 42.77 -5.04 17.90
N LEU A 67 43.85 -5.48 17.27
CA LEU A 67 44.69 -4.56 16.50
C LEU A 67 43.84 -3.82 15.48
N ALA A 68 43.12 -4.55 14.63
CA ALA A 68 42.22 -3.95 13.65
C ALA A 68 40.80 -4.55 13.68
N HIS A 69 40.48 -5.30 14.72
CA HIS A 69 39.16 -5.97 14.81
C HIS A 69 38.90 -6.84 13.62
N THR A 70 39.88 -7.69 13.31
CA THR A 70 39.88 -8.52 12.12
C THR A 70 39.09 -9.80 12.31
N GLY A 71 38.64 -10.36 11.18
CA GLY A 71 37.89 -11.61 11.17
C GLY A 71 38.77 -12.83 11.31
N ARG A 72 38.27 -13.99 10.86
CA ARG A 72 38.88 -15.27 11.17
C ARG A 72 40.32 -15.36 10.71
N GLU A 73 40.53 -15.35 9.39
CA GLU A 73 41.85 -15.54 8.79
C GLU A 73 42.84 -14.40 9.08
N ALA A 74 42.39 -13.16 8.99
CA ALA A 74 43.29 -12.02 9.27
C ALA A 74 43.80 -12.03 10.71
N THR A 75 42.99 -12.54 11.63
CA THR A 75 43.40 -12.66 13.03
C THR A 75 44.36 -13.84 13.15
N LEU A 76 43.96 -14.99 12.60
CA LEU A 76 44.84 -16.14 12.63
C LEU A 76 46.27 -15.82 12.12
N LEU A 77 46.37 -15.16 10.97
CA LEU A 77 47.66 -14.86 10.38
C LEU A 77 48.58 -14.04 11.28
N LYS A 78 48.02 -13.19 12.12
CA LYS A 78 48.84 -12.51 13.11
C LYS A 78 49.36 -13.47 14.16
N ILE A 79 48.46 -14.30 14.70
CA ILE A 79 48.85 -15.22 15.75
C ILE A 79 49.91 -16.21 15.25
N ALA A 80 49.65 -16.83 14.11
CA ALA A 80 50.58 -17.80 13.54
C ALA A 80 51.98 -17.22 13.34
N ASN A 81 52.11 -15.90 13.42
CA ASN A 81 53.43 -15.29 13.29
C ASN A 81 54.36 -15.67 14.43
N LEU A 82 53.79 -15.76 15.63
CA LEU A 82 54.55 -16.06 16.83
C LEU A 82 54.22 -17.42 17.43
N TYR A 83 52.95 -17.81 17.39
CA TYR A 83 52.49 -18.96 18.15
C TYR A 83 51.97 -20.13 17.35
N TRP A 84 51.91 -21.27 18.03
CA TRP A 84 51.18 -22.44 17.54
C TRP A 84 50.53 -23.14 18.72
N TRP A 85 49.30 -23.60 18.55
CA TRP A 85 48.66 -24.51 19.50
C TRP A 85 47.60 -25.37 18.80
N PRO A 86 46.96 -26.32 19.50
CA PRO A 86 46.01 -27.11 18.71
C PRO A 86 44.73 -26.36 18.48
N ASN A 87 44.24 -26.42 17.23
CA ASN A 87 42.95 -25.86 16.86
C ASN A 87 42.86 -24.38 17.17
N MET A 88 43.79 -23.62 16.61
CA MET A 88 43.87 -22.19 16.82
C MET A 88 42.58 -21.46 16.40
N ARG A 89 42.10 -21.75 15.19
CA ARG A 89 40.92 -21.08 14.66
C ARG A 89 39.69 -21.29 15.52
N LYS A 90 39.65 -22.42 16.24
CA LYS A 90 38.50 -22.63 17.12
C LYS A 90 38.48 -21.57 18.22
N ASP A 91 39.65 -21.23 18.75
CA ASP A 91 39.70 -20.20 19.78
C ASP A 91 39.53 -18.81 19.18
N VAL A 92 39.90 -18.65 17.91
CA VAL A 92 39.74 -17.37 17.23
C VAL A 92 38.24 -17.08 17.09
N VAL A 93 37.53 -18.07 16.58
CA VAL A 93 36.09 -17.94 16.33
C VAL A 93 35.32 -17.68 17.63
N LYS A 94 35.72 -18.37 18.71
CA LYS A 94 35.13 -18.14 20.02
C LYS A 94 35.13 -16.65 20.37
N GLN A 95 36.25 -15.99 20.10
CA GLN A 95 36.35 -14.57 20.38
C GLN A 95 35.55 -13.70 19.42
N LEU A 96 35.55 -14.09 18.14
CA LEU A 96 34.79 -13.35 17.14
C LEU A 96 33.32 -13.26 17.52
N GLY A 97 32.77 -14.38 18.00
CA GLY A 97 31.38 -14.43 18.46
C GLY A 97 31.12 -13.69 19.77
N ARG A 98 32.16 -13.25 20.46
CA ARG A 98 32.03 -12.45 21.69
C ARG A 98 32.48 -11.01 21.53
N CYS A 99 32.88 -10.60 20.33
CA CYS A 99 33.28 -9.21 20.16
C CYS A 99 32.05 -8.34 19.81
N GLN A 100 31.46 -7.74 20.84
CA GLN A 100 30.27 -6.94 20.66
C GLN A 100 30.47 -5.99 19.48
N GLN A 101 31.64 -5.34 19.41
CA GLN A 101 31.90 -4.34 18.37
C GLN A 101 31.93 -4.90 16.95
N CYS A 102 32.56 -6.06 16.76
CA CYS A 102 32.52 -6.69 15.44
C CYS A 102 31.10 -7.09 15.10
N LEU A 103 30.36 -7.63 16.08
CA LEU A 103 29.05 -8.19 15.80
C LEU A 103 28.04 -7.14 15.31
N ILE A 104 28.12 -5.94 15.84
CA ILE A 104 27.17 -4.92 15.50
C ILE A 104 27.64 -4.01 14.37
N THR A 105 28.95 -4.01 14.10
CA THR A 105 29.50 -3.18 13.03
C THR A 105 29.68 -3.89 11.69
N ASN A 106 30.14 -5.15 11.69
CA ASN A 106 30.37 -5.86 10.44
C ASN A 106 29.13 -6.01 9.56
N ALA A 107 29.34 -6.23 8.28
CA ALA A 107 28.26 -6.50 7.36
C ALA A 107 28.02 -8.01 7.36
N SER A 108 26.86 -8.41 6.86
CA SER A 108 26.52 -9.80 6.72
C SER A 108 27.06 -10.28 5.39
N ASN A 109 27.39 -11.54 5.28
CA ASN A 109 27.69 -12.07 3.97
C ASN A 109 26.74 -13.19 3.58
N LYS A 110 25.52 -13.14 4.12
CA LYS A 110 24.48 -14.11 3.73
C LYS A 110 23.24 -13.37 3.26
N ALA A 111 22.74 -13.74 2.10
CA ALA A 111 21.57 -13.09 1.49
C ALA A 111 20.28 -13.61 2.11
N SER A 112 19.26 -12.74 2.15
CA SER A 112 17.86 -13.14 2.38
C SER A 112 17.37 -14.27 1.48
N GLY A 113 16.48 -15.10 2.04
CA GLY A 113 15.78 -16.10 1.23
C GLY A 113 14.99 -15.41 0.12
N PRO A 114 14.60 -16.19 -0.91
CA PRO A 114 13.89 -15.64 -2.08
C PRO A 114 12.55 -15.02 -1.69
N ILE A 115 12.18 -13.91 -2.34
CA ILE A 115 10.95 -13.16 -1.99
C ILE A 115 9.66 -13.96 -2.13
N LEU A 116 8.63 -13.59 -1.35
CA LEU A 116 7.27 -14.15 -1.54
C LEU A 116 6.49 -13.38 -2.60
N ARG A 117 5.69 -14.07 -3.39
CA ARG A 117 4.76 -13.37 -4.26
C ARG A 117 3.34 -13.59 -3.75
N PRO A 118 2.87 -12.77 -2.81
CA PRO A 118 1.53 -12.96 -2.22
C PRO A 118 0.46 -13.10 -3.30
N ASP A 119 -0.62 -13.83 -3.02
CA ASP A 119 -1.73 -13.94 -3.97
C ASP A 119 -2.34 -12.58 -4.23
N ARG A 120 -2.75 -12.37 -5.47
CA ARG A 120 -3.52 -11.20 -5.82
C ARG A 120 -4.83 -11.21 -5.02
N PRO A 121 -5.21 -10.08 -4.41
CA PRO A 121 -6.55 -10.01 -3.80
C PRO A 121 -7.58 -10.60 -4.75
N GLN A 122 -8.56 -11.28 -4.21
CA GLN A 122 -9.55 -11.92 -5.08
C GLN A 122 -10.53 -10.97 -5.78
N LYS A 123 -10.91 -9.89 -5.10
CA LYS A 123 -11.90 -8.97 -5.60
C LYS A 123 -11.44 -7.51 -5.52
N PRO A 124 -11.95 -6.66 -6.45
CA PRO A 124 -11.72 -5.25 -6.23
C PRO A 124 -12.30 -4.92 -4.89
N PHE A 125 -11.63 -4.03 -4.18
CA PHE A 125 -12.04 -3.57 -2.86
C PHE A 125 -11.72 -4.49 -1.67
N ASP A 126 -11.19 -5.69 -1.95
CA ASP A 126 -10.65 -6.56 -0.89
C ASP A 126 -9.50 -5.91 -0.16
N LYS A 127 -8.59 -5.28 -0.91
CA LYS A 127 -7.41 -4.65 -0.31
C LYS A 127 -6.94 -3.40 -1.04
N PHE A 128 -6.77 -2.32 -0.30
CA PHE A 128 -6.10 -1.16 -0.80
C PHE A 128 -4.67 -1.13 -0.30
N PHE A 129 -3.78 -0.62 -1.14
CA PHE A 129 -2.41 -0.26 -0.74
C PHE A 129 -2.31 1.26 -0.88
N ILE A 130 -1.96 1.93 0.22
CA ILE A 130 -1.84 3.37 0.21
C ILE A 130 -0.45 3.84 0.66
N ASP A 131 -0.12 5.06 0.27
CA ASP A 131 1.23 5.59 0.45
C ASP A 131 1.29 7.02 -0.03
N TYR A 132 2.28 7.75 0.49
CA TYR A 132 2.53 9.09 0.04
C TYR A 132 3.75 9.21 -0.86
N ILE A 133 3.68 10.15 -1.79
CA ILE A 133 4.77 10.57 -2.65
C ILE A 133 5.08 12.03 -2.25
N GLY A 134 6.37 12.36 -2.08
CA GLY A 134 6.76 13.74 -1.85
C GLY A 134 7.78 13.88 -0.75
N PRO A 135 8.23 15.11 -0.48
CA PRO A 135 7.66 16.32 -1.06
C PRO A 135 8.05 16.55 -2.51
N LEU A 136 7.19 17.26 -3.23
CA LEU A 136 7.37 17.61 -4.63
C LEU A 136 7.54 19.14 -4.76
N PRO A 137 8.02 19.64 -5.91
CA PRO A 137 7.98 21.09 -6.04
C PRO A 137 6.57 21.63 -5.71
N PRO A 138 6.48 22.72 -4.95
CA PRO A 138 5.14 23.21 -4.65
C PRO A 138 4.35 23.47 -5.92
N SER A 139 3.11 23.00 -5.93
CA SER A 139 2.15 23.27 -7.00
C SER A 139 0.81 23.63 -6.34
N GLN A 140 0.33 24.85 -6.59
CA GLN A 140 -0.86 25.42 -5.90
C GLN A 140 -0.81 25.25 -4.37
N GLY A 141 0.39 25.24 -3.81
CA GLY A 141 0.54 25.10 -2.37
C GLY A 141 0.47 23.67 -1.89
N TYR A 142 0.50 22.72 -2.83
CA TYR A 142 0.49 21.30 -2.50
C TYR A 142 1.88 20.65 -2.69
N LEU A 143 2.22 19.72 -1.82
CA LEU A 143 3.54 19.14 -1.79
C LEU A 143 3.56 17.61 -1.85
N TYR A 144 2.43 16.97 -1.55
CA TYR A 144 2.40 15.49 -1.61
C TYR A 144 1.25 14.96 -2.43
N VAL A 145 1.30 13.67 -2.75
CA VAL A 145 0.22 12.99 -3.41
C VAL A 145 -0.08 11.74 -2.61
N LEU A 146 -1.34 11.55 -2.22
CA LEU A 146 -1.80 10.30 -1.63
C LEU A 146 -2.14 9.38 -2.76
N VAL A 147 -1.57 8.19 -2.75
CA VAL A 147 -1.80 7.22 -3.81
C VAL A 147 -2.51 6.01 -3.22
N VAL A 148 -3.64 5.65 -3.83
CA VAL A 148 -4.44 4.52 -3.37
C VAL A 148 -4.59 3.52 -4.51
N VAL A 149 -4.11 2.30 -4.30
CA VAL A 149 -4.08 1.29 -5.34
C VAL A 149 -4.90 0.08 -4.93
N ASP A 150 -5.98 -0.17 -5.65
CA ASP A 150 -6.75 -1.37 -5.39
C ASP A 150 -5.92 -2.58 -5.82
N GLY A 151 -5.74 -3.53 -4.90
CA GLY A 151 -4.82 -4.64 -5.10
C GLY A 151 -5.13 -5.55 -6.27
N MET A 152 -6.41 -5.80 -6.48
CA MET A 152 -6.82 -6.76 -7.48
C MET A 152 -6.73 -6.17 -8.88
N THR A 153 -7.11 -4.90 -9.00
CA THR A 153 -7.28 -4.28 -10.31
C THR A 153 -6.11 -3.41 -10.70
N GLY A 154 -5.40 -2.88 -9.69
CA GLY A 154 -4.39 -1.86 -9.94
C GLY A 154 -5.03 -0.49 -10.08
N PHE A 155 -6.35 -0.42 -10.06
CA PHE A 155 -7.01 0.86 -10.24
C PHE A 155 -6.55 1.81 -9.15
N THR A 156 -6.20 3.04 -9.53
CA THR A 156 -5.49 3.96 -8.65
C THR A 156 -6.21 5.28 -8.53
N TRP A 157 -6.24 5.82 -7.32
CA TRP A 157 -6.79 7.14 -7.08
C TRP A 157 -5.68 8.04 -6.57
N LEU A 158 -5.68 9.29 -7.01
CA LEU A 158 -4.66 10.26 -6.61
C LEU A 158 -5.26 11.51 -5.96
N TYR A 159 -4.71 11.90 -4.81
CA TYR A 159 -5.16 13.11 -4.10
C TYR A 159 -3.94 13.97 -3.73
N PRO A 160 -3.95 15.25 -4.13
CA PRO A 160 -2.87 16.17 -3.78
C PRO A 160 -3.03 16.60 -2.34
N THR A 161 -1.95 16.63 -1.55
CA THR A 161 -2.08 17.17 -0.19
C THR A 161 -0.97 18.14 0.16
N LYS A 162 -1.16 18.86 1.27
CA LYS A 162 -0.16 19.80 1.77
C LYS A 162 0.85 19.15 2.70
N ALA A 163 0.47 18.02 3.29
CA ALA A 163 1.33 17.25 4.19
C ALA A 163 0.92 15.77 4.18
N PRO A 164 1.86 14.85 4.48
CA PRO A 164 1.45 13.45 4.62
C PRO A 164 0.84 13.23 5.99
N SER A 165 -0.26 13.93 6.26
CA SER A 165 -0.98 13.86 7.55
C SER A 165 -2.14 12.87 7.59
N THR A 166 -2.52 12.49 8.79
CA THR A 166 -3.70 11.68 9.00
C THR A 166 -4.90 12.48 8.51
N SER A 167 -4.89 13.77 8.81
CA SER A 167 -6.06 14.56 8.54
C SER A 167 -6.31 14.67 7.02
N ALA A 168 -5.23 14.76 6.23
CA ALA A 168 -5.40 14.85 4.78
C ALA A 168 -5.74 13.47 4.20
N THR A 169 -5.25 12.44 4.88
CA THR A 169 -5.56 11.08 4.49
C THR A 169 -7.06 10.84 4.69
N VAL A 170 -7.57 11.26 5.84
CA VAL A 170 -8.96 11.02 6.17
C VAL A 170 -9.89 11.81 5.20
N LYS A 171 -9.62 13.09 4.99
CA LYS A 171 -10.40 13.87 4.01
C LYS A 171 -10.47 13.16 2.64
N SER A 172 -9.35 12.63 2.16
CA SER A 172 -9.28 12.04 0.82
C SER A 172 -10.03 10.73 0.75
N LEU A 173 -9.85 9.89 1.78
CA LEU A 173 -10.46 8.58 1.78
C LEU A 173 -11.97 8.67 2.00
N ASN A 174 -12.42 9.64 2.80
CA ASN A 174 -13.84 9.90 2.88
C ASN A 174 -14.43 10.12 1.50
N VAL A 175 -13.70 10.84 0.63
CA VAL A 175 -14.17 11.06 -0.74
C VAL A 175 -14.13 9.76 -1.52
N LEU A 176 -13.04 9.02 -1.41
CA LEU A 176 -12.86 7.79 -2.16
C LEU A 176 -13.92 6.80 -1.78
N THR A 177 -14.13 6.64 -0.48
CA THR A 177 -14.97 5.56 0.02
C THR A 177 -16.44 5.88 -0.10
N SER A 178 -16.77 7.09 -0.55
CA SER A 178 -18.08 7.36 -1.12
C SER A 178 -18.44 6.33 -2.15
N ILE A 179 -17.45 5.77 -2.85
CA ILE A 179 -17.71 4.85 -3.96
C ILE A 179 -17.93 3.43 -3.45
N ALA A 180 -17.02 2.97 -2.59
CA ALA A 180 -17.06 1.62 -2.00
C ALA A 180 -16.15 1.63 -0.81
N ILE A 181 -16.37 0.71 0.11
CA ILE A 181 -15.55 0.58 1.30
C ILE A 181 -14.76 -0.71 1.15
N PRO A 182 -13.44 -0.67 1.40
CA PRO A 182 -12.59 -1.85 1.24
C PRO A 182 -12.56 -2.69 2.50
N LYS A 183 -12.31 -3.99 2.37
CA LYS A 183 -12.16 -4.82 3.56
C LYS A 183 -10.91 -4.40 4.35
N VAL A 184 -9.81 -4.22 3.63
CA VAL A 184 -8.49 -4.01 4.23
C VAL A 184 -7.78 -2.83 3.57
N ILE A 185 -7.09 -2.03 4.37
CA ILE A 185 -6.16 -1.04 3.85
C ILE A 185 -4.75 -1.38 4.31
N HIS A 186 -3.84 -1.59 3.35
CA HIS A 186 -2.43 -1.91 3.66
C HIS A 186 -1.57 -0.69 3.47
N SER A 187 -0.85 -0.32 4.53
CA SER A 187 0.09 0.78 4.44
C SER A 187 1.42 0.48 5.15
N ASP A 188 2.40 1.35 4.94
CA ASP A 188 3.67 1.28 5.68
C ASP A 188 3.45 1.92 7.06
N GLN A 189 4.53 2.08 7.83
CA GLN A 189 4.40 2.68 9.16
C GLN A 189 4.64 4.20 9.23
N GLY A 190 4.31 4.90 8.14
CA GLY A 190 4.29 6.37 8.18
C GLY A 190 3.44 6.93 9.32
N ALA A 191 3.83 8.10 9.82
CA ALA A 191 3.08 8.81 10.87
C ALA A 191 1.57 8.89 10.53
N ALA A 192 1.24 9.30 9.31
CA ALA A 192 -0.14 9.39 8.82
C ALA A 192 -1.07 8.22 9.11
N PHE A 193 -0.54 6.99 9.07
CA PHE A 193 -1.38 5.80 9.05
C PHE A 193 -1.38 5.01 10.37
N THR A 194 -0.48 5.37 11.27
CA THR A 194 -0.26 4.62 12.50
C THR A 194 -0.86 5.39 13.66
N SER A 195 -1.28 6.63 13.40
CA SER A 195 -1.93 7.45 14.41
C SER A 195 -3.25 6.84 14.84
N SER A 196 -3.61 7.08 16.09
CA SER A 196 -4.86 6.52 16.62
C SER A 196 -6.09 7.17 15.98
N THR A 197 -5.97 8.43 15.55
CA THR A 197 -7.05 9.06 14.78
C THR A 197 -7.39 8.26 13.52
N PHE A 198 -6.36 7.77 12.83
CA PHE A 198 -6.60 6.96 11.66
C PHE A 198 -7.17 5.59 12.05
N ALA A 199 -6.69 5.03 13.15
CA ALA A 199 -7.18 3.74 13.64
C ALA A 199 -8.71 3.79 13.85
N GLU A 200 -9.17 4.84 14.52
CA GLU A 200 -10.58 5.07 14.82
C GLU A 200 -11.36 5.21 13.53
N TRP A 201 -10.84 6.02 12.62
CA TRP A 201 -11.51 6.28 11.34
C TRP A 201 -11.76 4.95 10.61
N ALA A 202 -10.80 4.04 10.72
CA ALA A 202 -10.94 2.74 10.08
C ALA A 202 -11.96 1.84 10.77
N LYS A 203 -11.88 1.76 12.10
CA LYS A 203 -12.78 0.92 12.91
C LYS A 203 -14.24 1.31 12.69
N GLU A 204 -14.47 2.63 12.73
CA GLU A 204 -15.75 3.22 12.42
C GLU A 204 -16.40 2.62 11.17
N ARG A 205 -15.60 2.19 10.20
CA ARG A 205 -16.14 1.75 8.92
C ARG A 205 -15.95 0.26 8.67
N GLY A 206 -15.47 -0.45 9.68
CA GLY A 206 -15.27 -1.88 9.53
C GLY A 206 -14.11 -2.23 8.63
N ILE A 207 -13.22 -1.27 8.42
CA ILE A 207 -12.00 -1.45 7.62
C ILE A 207 -10.88 -1.96 8.51
N HIS A 208 -10.23 -3.05 8.10
CA HIS A 208 -9.09 -3.57 8.87
C HIS A 208 -7.75 -2.97 8.39
N LEU A 209 -6.96 -2.42 9.31
CA LEU A 209 -5.65 -1.86 9.00
C LEU A 209 -4.54 -2.91 9.07
N GLU A 210 -3.80 -2.99 7.97
CA GLU A 210 -2.67 -3.92 7.85
C GLU A 210 -1.41 -3.09 7.61
N PHE A 211 -0.35 -3.39 8.35
CA PHE A 211 0.90 -2.61 8.24
C PHE A 211 2.10 -3.40 7.73
N SER A 212 2.89 -2.75 6.89
CA SER A 212 4.18 -3.30 6.46
C SER A 212 5.07 -3.45 7.66
N THR A 213 5.95 -4.44 7.64
CA THR A 213 7.06 -4.45 8.60
C THR A 213 7.81 -3.12 8.47
N PRO A 214 8.53 -2.71 9.52
CA PRO A 214 9.16 -1.38 9.42
C PRO A 214 10.32 -1.35 8.43
N TYR A 215 10.48 -0.18 7.80
CA TYR A 215 11.57 0.12 6.86
C TYR A 215 11.75 -0.94 5.77
N HIS A 216 10.64 -1.28 5.10
CA HIS A 216 10.63 -2.33 4.09
C HIS A 216 9.57 -2.04 3.02
N PRO A 217 9.86 -1.07 2.12
CA PRO A 217 8.88 -0.66 1.13
C PRO A 217 8.48 -1.71 0.10
N GLN A 218 9.29 -2.74 -0.10
CA GLN A 218 8.89 -3.92 -0.89
C GLN A 218 7.49 -4.38 -0.47
N SER A 219 7.20 -4.23 0.82
CA SER A 219 5.97 -4.72 1.38
C SER A 219 4.76 -3.98 0.84
N SER A 220 4.89 -2.67 0.61
CA SER A 220 3.91 -1.89 -0.17
C SER A 220 4.23 -1.88 -1.68
N GLY A 221 4.93 -2.90 -2.15
CA GLY A 221 5.35 -3.00 -3.55
C GLY A 221 4.29 -2.62 -4.58
N LYS A 222 3.05 -3.07 -4.36
CA LYS A 222 1.94 -2.72 -5.23
C LYS A 222 1.84 -1.23 -5.45
N VAL A 223 1.81 -0.44 -4.38
CA VAL A 223 1.68 1.01 -4.54
C VAL A 223 3.01 1.68 -4.86
N GLU A 224 4.12 1.22 -4.25
CA GLU A 224 5.44 1.83 -4.53
C GLU A 224 5.66 1.83 -6.02
N ARG A 225 5.36 0.68 -6.65
CA ARG A 225 5.52 0.49 -8.10
C ARG A 225 4.63 1.40 -8.88
N LYS A 226 3.45 1.68 -8.35
CA LYS A 226 2.54 2.59 -9.02
C LYS A 226 3.09 4.02 -8.91
N ASN A 227 3.70 4.36 -7.77
CA ASN A 227 4.42 5.63 -7.62
C ASN A 227 5.39 5.92 -8.79
N SER A 228 6.14 4.88 -9.17
CA SER A 228 7.03 4.96 -10.29
C SER A 228 6.32 5.43 -11.57
N ASP A 229 5.23 4.77 -11.93
CA ASP A 229 4.55 5.13 -13.17
C ASP A 229 4.01 6.55 -13.09
N ILE A 230 3.53 6.93 -11.91
CA ILE A 230 2.94 8.23 -11.71
C ILE A 230 4.01 9.30 -11.93
N LYS A 231 5.13 9.18 -11.22
CA LYS A 231 6.22 10.12 -11.34
C LYS A 231 6.75 10.14 -12.78
N ARG A 232 6.84 8.96 -13.38
CA ARG A 232 7.40 8.84 -14.73
C ARG A 232 6.54 9.57 -15.75
N LEU A 233 5.21 9.38 -15.66
CA LEU A 233 4.28 10.04 -16.59
C LEU A 233 4.23 11.56 -16.34
N LEU A 234 4.26 11.96 -15.06
CA LEU A 234 4.31 13.37 -14.70
C LEU A 234 5.56 14.02 -15.29
N THR A 235 6.69 13.32 -15.17
CA THR A 235 7.94 13.83 -15.70
C THR A 235 7.82 14.11 -17.21
N LYS A 236 7.43 13.10 -17.98
CA LYS A 236 7.25 13.26 -19.43
C LYS A 236 6.32 14.42 -19.81
N LEU A 237 5.25 14.61 -19.04
CA LEU A 237 4.27 15.61 -19.39
C LEU A 237 4.78 16.99 -19.06
N LEU A 238 5.79 17.04 -18.21
CA LEU A 238 6.29 18.31 -17.69
C LEU A 238 7.59 18.76 -18.36
N VAL A 239 8.11 17.96 -19.30
CA VAL A 239 9.35 18.27 -20.01
C VAL A 239 9.27 19.67 -20.63
N GLY A 240 10.28 20.49 -20.35
CA GLY A 240 10.37 21.83 -20.92
C GLY A 240 9.30 22.81 -20.48
N ARG A 241 8.54 22.46 -19.43
CA ARG A 241 7.60 23.39 -18.79
C ARG A 241 7.93 23.42 -17.31
N PRO A 242 7.46 24.45 -16.59
CA PRO A 242 7.64 24.39 -15.14
C PRO A 242 6.81 23.27 -14.48
N THR A 243 7.32 22.75 -13.37
CA THR A 243 6.73 21.55 -12.75
C THR A 243 5.39 21.79 -12.03
N LYS A 244 4.39 22.21 -12.80
CA LYS A 244 3.01 22.41 -12.32
C LYS A 244 2.22 21.11 -12.36
N TRP A 245 2.45 20.23 -11.40
CA TRP A 245 1.86 18.90 -11.41
C TRP A 245 0.41 18.82 -10.89
N TYR A 246 -0.02 19.76 -10.06
CA TYR A 246 -1.36 19.74 -9.48
C TYR A 246 -2.45 19.52 -10.55
N ASP A 247 -2.46 20.35 -11.58
CA ASP A 247 -3.47 20.21 -12.61
C ASP A 247 -3.33 18.96 -13.46
N LEU A 248 -2.30 18.16 -13.23
CA LEU A 248 -2.10 16.99 -14.08
C LEU A 248 -2.50 15.70 -13.39
N LEU A 249 -2.62 15.73 -12.07
CA LEU A 249 -3.02 14.53 -11.36
C LEU A 249 -4.26 13.87 -11.97
N PRO A 250 -5.34 14.63 -12.22
CA PRO A 250 -6.52 13.99 -12.80
C PRO A 250 -6.21 13.33 -14.14
N VAL A 251 -5.48 14.02 -15.00
CA VAL A 251 -5.06 13.42 -16.28
C VAL A 251 -4.21 12.16 -16.08
N VAL A 252 -3.25 12.21 -15.16
CA VAL A 252 -2.38 11.07 -14.91
C VAL A 252 -3.20 9.84 -14.41
N GLN A 253 -4.03 10.08 -13.38
CA GLN A 253 -4.97 9.09 -12.85
C GLN A 253 -5.72 8.38 -13.98
N LEU A 254 -6.37 9.16 -14.81
CA LEU A 254 -7.16 8.59 -15.88
C LEU A 254 -6.25 7.83 -16.85
N ALA A 255 -5.11 8.44 -17.19
CA ALA A 255 -4.20 7.88 -18.20
C ALA A 255 -3.74 6.50 -17.78
N LEU A 256 -3.32 6.39 -16.52
CA LEU A 256 -2.79 5.14 -15.97
C LEU A 256 -3.86 4.07 -15.75
N ASN A 257 -5.06 4.45 -15.30
CA ASN A 257 -6.13 3.45 -15.08
C ASN A 257 -6.57 2.82 -16.39
N ASN A 258 -6.34 3.55 -17.48
CA ASN A 258 -6.70 3.06 -18.80
C ASN A 258 -5.53 2.52 -19.66
N THR A 259 -4.39 2.21 -19.02
CA THR A 259 -3.20 1.70 -19.70
C THR A 259 -3.05 0.18 -19.56
N TYR A 260 -2.77 -0.49 -20.67
CA TYR A 260 -2.64 -1.94 -20.62
C TYR A 260 -1.40 -2.37 -19.84
N SER A 261 -1.52 -3.46 -19.09
CA SER A 261 -0.36 -4.14 -18.58
C SER A 261 -0.09 -5.28 -19.56
N PRO A 262 1.05 -5.21 -20.27
CA PRO A 262 1.28 -6.21 -21.32
C PRO A 262 1.22 -7.68 -20.87
N VAL A 263 1.53 -7.97 -19.61
CA VAL A 263 1.47 -9.36 -19.14
C VAL A 263 0.02 -9.80 -18.88
N LEU A 264 -0.81 -8.86 -18.48
CA LEU A 264 -2.19 -9.17 -18.15
C LEU A 264 -3.06 -9.07 -19.38
N LYS A 265 -2.72 -8.12 -20.26
CA LYS A 265 -3.54 -7.78 -21.44
C LYS A 265 -4.84 -7.09 -21.04
N TYR A 266 -4.83 -6.41 -19.90
CA TYR A 266 -5.98 -5.65 -19.44
C TYR A 266 -5.54 -4.36 -18.80
N THR A 267 -6.41 -3.36 -18.86
CA THR A 267 -6.16 -2.12 -18.14
C THR A 267 -6.83 -2.24 -16.77
N PRO A 268 -6.32 -1.51 -15.77
CA PRO A 268 -6.97 -1.57 -14.46
C PRO A 268 -8.46 -1.20 -14.51
N HIS A 269 -8.83 -0.31 -15.42
CA HIS A 269 -10.22 0.10 -15.57
C HIS A 269 -11.07 -1.11 -15.97
N GLN A 270 -10.65 -1.81 -17.02
CA GLN A 270 -11.25 -3.09 -17.43
C GLN A 270 -11.39 -4.10 -16.30
N LEU A 271 -10.35 -4.26 -15.50
CA LEU A 271 -10.44 -5.18 -14.38
C LEU A 271 -11.46 -4.72 -13.34
N LEU A 272 -11.66 -3.41 -13.21
CA LEU A 272 -12.61 -2.90 -12.23
C LEU A 272 -14.08 -2.96 -12.71
N PHE A 273 -14.31 -2.62 -13.97
CA PHE A 273 -15.68 -2.45 -14.49
C PHE A 273 -16.05 -3.49 -15.57
N GLY A 274 -15.06 -4.19 -16.12
CA GLY A 274 -15.33 -5.16 -17.19
C GLY A 274 -15.79 -4.53 -18.49
N ILE A 275 -15.67 -3.21 -18.59
CA ILE A 275 -15.98 -2.47 -19.83
C ILE A 275 -15.35 -1.06 -19.88
N ASP A 276 -14.75 -0.69 -21.01
CA ASP A 276 -14.16 0.63 -21.16
C ASP A 276 -15.21 1.74 -21.11
N SER A 277 -14.87 2.86 -20.47
CA SER A 277 -15.72 4.04 -20.56
C SER A 277 -15.41 4.77 -21.87
N ASN A 278 -15.95 5.98 -22.05
CA ASN A 278 -15.77 6.75 -23.27
C ASN A 278 -14.39 7.42 -23.32
N THR A 279 -13.34 6.61 -23.36
CA THR A 279 -11.97 7.11 -23.44
C THR A 279 -11.40 6.70 -24.79
N PRO A 280 -10.32 7.37 -25.23
CA PRO A 280 -9.76 7.04 -26.54
C PRO A 280 -9.41 5.58 -26.71
N PHE A 281 -9.69 5.03 -27.88
CA PHE A 281 -9.38 3.64 -28.22
C PHE A 281 -10.08 2.63 -27.33
N ALA A 282 -11.34 2.88 -26.98
CA ALA A 282 -12.10 1.99 -26.10
C ALA A 282 -12.32 0.65 -26.76
N ASN A 283 -12.05 -0.43 -26.02
CA ASN A 283 -12.25 -1.79 -26.52
C ASN A 283 -13.73 -2.09 -26.70
N GLN A 284 -14.12 -2.59 -27.87
CA GLN A 284 -15.53 -2.76 -28.23
C GLN A 284 -15.98 -4.21 -28.28
N ASP A 285 -15.12 -5.12 -27.84
CA ASP A 285 -15.35 -6.55 -28.00
C ASP A 285 -16.64 -7.09 -27.41
N THR A 286 -17.12 -6.53 -26.30
CA THR A 286 -18.30 -7.06 -25.64
C THR A 286 -19.59 -6.30 -25.99
N LEU A 287 -19.55 -5.56 -27.08
CA LEU A 287 -20.67 -4.72 -27.51
C LEU A 287 -22.01 -5.48 -27.58
N ASP A 288 -21.97 -6.74 -28.02
CA ASP A 288 -23.16 -7.58 -28.20
C ASP A 288 -23.55 -8.46 -27.00
N LEU A 289 -22.74 -8.45 -25.94
CA LEU A 289 -23.09 -9.20 -24.74
C LEU A 289 -24.03 -8.39 -23.91
N THR A 290 -24.85 -9.05 -23.10
CA THR A 290 -25.63 -8.32 -22.11
C THR A 290 -24.67 -7.92 -20.97
N ARG A 291 -25.08 -6.97 -20.14
CA ARG A 291 -24.20 -6.60 -19.05
C ARG A 291 -23.88 -7.83 -18.23
N GLU A 292 -24.91 -8.64 -18.03
CA GLU A 292 -24.76 -9.84 -17.22
C GLU A 292 -23.81 -10.82 -17.87
N GLU A 293 -23.94 -11.04 -19.17
CA GLU A 293 -22.95 -11.86 -19.87
C GLU A 293 -21.54 -11.26 -19.73
N GLU A 294 -21.45 -9.94 -19.82
CA GLU A 294 -20.19 -9.22 -19.68
C GLU A 294 -19.54 -9.44 -18.30
N LEU A 295 -20.35 -9.35 -17.23
CA LEU A 295 -19.87 -9.54 -15.84
C LEU A 295 -19.45 -10.97 -15.57
N SER A 296 -19.98 -11.86 -16.40
CA SER A 296 -19.73 -13.27 -16.30
C SER A 296 -18.35 -13.53 -16.89
N LEU A 297 -18.09 -12.95 -18.06
CA LEU A 297 -16.77 -13.02 -18.68
C LEU A 297 -15.72 -12.27 -17.86
N LEU A 298 -16.12 -11.18 -17.19
CA LEU A 298 -15.26 -10.50 -16.23
C LEU A 298 -14.84 -11.38 -15.05
N GLN A 299 -15.80 -11.98 -14.35
CA GLN A 299 -15.50 -12.88 -13.22
C GLN A 299 -14.46 -13.92 -13.61
N GLU A 300 -14.56 -14.40 -14.85
CA GLU A 300 -13.66 -15.43 -15.39
C GLU A 300 -12.28 -14.87 -15.73
N ILE A 301 -12.22 -13.67 -16.30
CA ILE A 301 -10.97 -12.99 -16.57
C ILE A 301 -10.20 -12.74 -15.28
N ARG A 302 -10.90 -12.28 -14.26
CA ARG A 302 -10.30 -11.95 -12.96
C ARG A 302 -9.63 -13.15 -12.28
N THR A 303 -10.12 -14.36 -12.53
CA THR A 303 -9.57 -15.49 -11.79
C THR A 303 -8.35 -16.08 -12.50
N SER A 304 -8.36 -16.03 -13.82
CA SER A 304 -7.31 -16.62 -14.62
C SER A 304 -6.07 -15.72 -14.88
N LEU A 305 -5.92 -14.61 -14.14
CA LEU A 305 -4.79 -13.67 -14.37
C LEU A 305 -3.42 -14.25 -13.95
N TYR A 306 -2.40 -13.97 -14.75
CA TYR A 306 -1.03 -14.42 -14.48
C TYR A 306 -0.55 -14.10 -13.09
N HIS A 307 -0.10 -15.12 -12.37
CA HIS A 307 0.54 -14.88 -11.09
C HIS A 307 1.99 -15.40 -11.05
N PRO A 308 2.95 -14.52 -10.72
CA PRO A 308 4.35 -14.89 -10.70
C PRO A 308 4.67 -15.81 -9.54
N SER A 309 5.71 -16.64 -9.67
CA SER A 309 6.10 -17.49 -8.53
C SER A 309 7.41 -17.07 -7.89
N THR A 310 7.52 -17.37 -6.59
CA THR A 310 8.76 -17.27 -5.81
C THR A 310 10.01 -17.72 -6.64
N PRO A 311 11.01 -16.83 -6.79
CA PRO A 311 12.22 -17.16 -7.57
C PRO A 311 13.18 -18.14 -6.88
N PRO A 312 14.19 -18.61 -7.60
CA PRO A 312 15.18 -19.47 -6.93
C PRO A 312 15.96 -18.70 -5.87
N ALA A 313 16.23 -19.35 -4.72
CA ALA A 313 17.13 -18.82 -3.67
C ALA A 313 18.51 -18.55 -4.26
N SER A 314 19.22 -17.53 -3.77
CA SER A 314 20.59 -17.32 -4.22
C SER A 314 21.46 -18.34 -3.49
N SER A 315 22.66 -18.62 -4.02
CA SER A 315 23.45 -19.77 -3.50
C SER A 315 23.81 -19.68 -2.02
N ARG A 316 23.83 -18.48 -1.45
CA ARG A 316 24.15 -18.34 -0.06
C ARG A 316 23.14 -17.52 0.74
N SER A 317 21.90 -17.99 0.73
CA SER A 317 20.82 -17.35 1.48
C SER A 317 20.64 -18.00 2.84
N TRP A 318 19.94 -17.31 3.74
CA TRP A 318 19.60 -17.89 5.01
C TRP A 318 18.10 -17.77 5.21
N SER A 319 17.53 -18.71 5.97
CA SER A 319 16.12 -18.64 6.32
C SER A 319 16.00 -18.76 7.83
N PRO A 320 15.09 -17.98 8.43
CA PRO A 320 14.99 -17.89 9.88
C PRO A 320 14.41 -19.15 10.53
N VAL A 321 14.92 -19.46 11.73
CA VAL A 321 14.56 -20.62 12.50
C VAL A 321 14.26 -20.12 13.92
N VAL A 322 13.19 -20.63 14.52
CA VAL A 322 12.82 -20.24 15.90
C VAL A 322 13.99 -20.47 16.84
N GLY A 323 14.31 -19.46 17.66
CA GLY A 323 15.45 -19.55 18.59
C GLY A 323 16.79 -19.00 18.12
N GLN A 324 16.97 -18.84 16.80
CA GLN A 324 18.13 -18.19 16.16
C GLN A 324 18.47 -16.81 16.73
N LEU A 325 19.77 -16.57 16.95
CA LEU A 325 20.27 -15.23 17.24
C LEU A 325 20.36 -14.47 15.93
N VAL A 326 19.74 -13.31 15.87
CA VAL A 326 19.67 -12.54 14.65
C VAL A 326 19.79 -11.10 15.05
N GLN A 327 20.16 -10.22 14.13
CA GLN A 327 20.29 -8.82 14.47
C GLN A 327 19.51 -7.94 13.53
N GLU A 328 18.78 -6.98 14.09
CA GLU A 328 18.00 -6.04 13.31
C GLU A 328 18.90 -4.93 12.87
N ARG A 329 18.66 -4.46 11.64
CA ARG A 329 19.39 -3.35 11.05
C ARG A 329 19.01 -2.07 11.78
N VAL A 330 20.00 -1.25 12.12
CA VAL A 330 19.70 0.06 12.69
C VAL A 330 19.06 0.90 11.58
N ALA A 331 17.97 1.57 11.89
CA ALA A 331 17.22 2.29 10.86
C ALA A 331 17.95 3.52 10.32
N ARG A 332 18.23 4.48 11.19
CA ARG A 332 18.81 5.71 10.70
C ARG A 332 20.19 5.95 11.34
N PRO A 333 21.17 5.07 11.03
CA PRO A 333 22.41 5.07 11.82
C PRO A 333 23.16 6.37 11.65
N ALA A 334 23.52 6.96 12.78
CA ALA A 334 24.38 8.15 12.79
C ALA A 334 25.76 7.83 12.20
N SER A 335 26.42 8.88 11.75
CA SER A 335 27.75 8.77 11.18
C SER A 335 28.71 8.08 12.13
N LEU A 336 29.49 7.15 11.61
CA LEU A 336 30.48 6.41 12.43
C LEU A 336 29.85 5.61 13.56
N ARG A 337 28.58 5.25 13.41
CA ARG A 337 27.89 4.44 14.42
C ARG A 337 27.46 3.12 13.78
N PRO A 338 27.34 2.04 14.56
CA PRO A 338 27.03 0.71 14.04
C PRO A 338 25.73 0.63 13.24
N ARG A 339 25.75 -0.27 12.26
CA ARG A 339 24.62 -0.43 11.36
C ARG A 339 23.67 -1.53 11.90
N TRP A 340 24.10 -2.27 12.91
CA TRP A 340 23.27 -3.32 13.50
C TRP A 340 22.97 -3.13 14.99
N HIS A 341 21.78 -3.58 15.41
CA HIS A 341 21.43 -3.70 16.83
C HIS A 341 22.07 -4.95 17.44
N LYS A 342 22.01 -5.05 18.77
CA LYS A 342 22.55 -6.21 19.48
C LYS A 342 21.77 -7.45 19.13
N PRO A 343 22.39 -8.62 19.27
CA PRO A 343 21.66 -9.84 18.93
C PRO A 343 20.31 -9.98 19.65
N SER A 344 19.35 -10.60 18.97
CA SER A 344 18.05 -10.83 19.54
C SER A 344 17.52 -12.15 19.01
N THR A 345 16.41 -12.63 19.57
CA THR A 345 16.02 -14.03 19.33
C THR A 345 14.74 -14.13 18.50
N VAL A 346 14.75 -15.04 17.53
CA VAL A 346 13.59 -15.30 16.69
C VAL A 346 12.53 -16.01 17.53
N LEU A 347 11.45 -15.31 17.86
CA LEU A 347 10.35 -15.88 18.63
C LEU A 347 9.45 -16.76 17.77
N LYS A 348 8.94 -16.17 16.69
CA LYS A 348 8.04 -16.87 15.80
C LYS A 348 8.41 -16.58 14.36
N VAL A 349 8.29 -17.61 13.52
CA VAL A 349 8.51 -17.52 12.09
C VAL A 349 7.16 -17.43 11.38
N LEU A 350 6.65 -16.21 11.21
CA LEU A 350 5.35 -15.94 10.57
C LEU A 350 5.27 -16.46 9.15
N ASN A 351 6.33 -16.26 8.37
CA ASN A 351 6.51 -16.93 7.07
C ASN A 351 7.99 -16.90 6.72
N PRO A 352 8.40 -17.47 5.58
CA PRO A 352 9.86 -17.58 5.44
C PRO A 352 10.60 -16.22 5.31
N ARG A 353 9.86 -15.12 5.17
CA ARG A 353 10.46 -13.80 4.98
C ARG A 353 10.05 -12.80 6.06
N THR A 354 9.34 -13.28 7.09
CA THR A 354 8.82 -12.40 8.14
C THR A 354 8.92 -13.07 9.51
N VAL A 355 9.44 -12.34 10.51
CA VAL A 355 9.58 -12.90 11.85
C VAL A 355 9.18 -11.97 12.99
N VAL A 356 8.93 -12.61 14.14
CA VAL A 356 8.80 -11.89 15.40
C VAL A 356 10.07 -12.16 16.19
N ILE A 357 10.72 -11.10 16.62
CA ILE A 357 11.90 -11.20 17.45
C ILE A 357 11.66 -10.54 18.80
N LEU A 358 12.41 -10.99 19.80
CA LEU A 358 12.45 -10.35 21.11
C LEU A 358 13.75 -9.53 21.23
N ASP A 359 13.60 -8.21 21.32
CA ASP A 359 14.76 -7.34 21.08
C ASP A 359 15.65 -6.98 22.28
N HIS A 360 15.87 -7.93 23.20
CA HIS A 360 16.75 -7.77 24.42
C HIS A 360 16.29 -6.72 25.48
N LEU A 361 15.32 -5.88 25.11
CA LEU A 361 14.72 -4.89 26.03
C LEU A 361 13.75 -5.54 27.06
N GLY A 362 12.88 -6.45 26.65
CA GLY A 362 12.72 -6.87 25.25
C GLY A 362 11.29 -6.70 24.76
N ASN A 363 11.14 -6.05 23.62
CA ASN A 363 9.86 -5.92 22.99
C ASN A 363 9.75 -6.93 21.87
N ASN A 364 8.51 -7.33 21.58
CA ASN A 364 8.21 -8.09 20.38
C ASN A 364 8.23 -7.10 19.21
N ARG A 365 8.96 -7.45 18.16
CA ARG A 365 8.92 -6.67 16.93
C ARG A 365 8.68 -7.62 15.77
N THR A 366 7.80 -7.22 14.87
CA THR A 366 7.58 -7.95 13.63
C THR A 366 8.40 -7.27 12.53
N VAL A 367 9.17 -8.08 11.83
CA VAL A 367 10.34 -7.57 11.15
C VAL A 367 10.57 -8.38 9.88
N SER A 368 11.02 -7.72 8.80
CA SER A 368 11.35 -8.40 7.54
C SER A 368 12.72 -9.04 7.66
N ILE A 369 12.96 -10.17 7.00
CA ILE A 369 14.32 -10.73 7.12
C ILE A 369 15.37 -9.87 6.41
N ASP A 370 14.90 -9.00 5.52
CA ASP A 370 15.75 -8.05 4.82
C ASP A 370 16.35 -7.05 5.79
N ASN A 371 15.73 -6.84 6.95
CA ASN A 371 16.32 -5.98 7.96
C ASN A 371 16.95 -6.78 9.08
N LEU A 372 17.39 -7.99 8.73
CA LEU A 372 18.03 -8.89 9.69
C LEU A 372 19.29 -9.53 9.12
N LYS A 373 20.24 -9.79 10.01
CA LYS A 373 21.32 -10.74 9.71
C LYS A 373 21.40 -11.80 10.80
N PRO A 374 21.78 -13.01 10.42
CA PRO A 374 21.99 -14.03 11.45
C PRO A 374 23.31 -13.77 12.15
N THR A 375 23.28 -13.67 13.47
CA THR A 375 24.50 -13.41 14.24
C THR A 375 25.56 -14.45 13.91
N SER A 376 26.76 -13.98 13.61
CA SER A 376 27.86 -14.86 13.16
C SER A 376 28.50 -15.65 14.28
N HIS A 377 29.11 -16.77 13.93
CA HIS A 377 29.85 -17.61 14.91
C HIS A 377 28.96 -18.15 16.03
N GLN A 378 27.67 -18.38 15.76
CA GLN A 378 26.64 -18.84 16.73
C GLN A 378 26.43 -17.93 17.97
N ASP B 119 -30.52 -3.63 -32.01
CA ASP B 119 -29.84 -2.64 -31.10
C ASP B 119 -29.06 -3.31 -29.95
N ARG B 120 -27.86 -2.78 -29.68
CA ARG B 120 -26.92 -3.36 -28.71
C ARG B 120 -27.38 -3.10 -27.27
N PRO B 121 -27.09 -4.04 -26.35
CA PRO B 121 -27.58 -3.90 -24.97
C PRO B 121 -27.01 -2.69 -24.20
N GLN B 122 -27.82 -2.17 -23.29
CA GLN B 122 -27.48 -1.04 -22.49
C GLN B 122 -26.30 -1.35 -21.56
N LYS B 123 -25.35 -0.42 -21.44
CA LYS B 123 -24.14 -0.65 -20.66
C LYS B 123 -23.86 0.50 -19.72
N PRO B 124 -23.05 0.28 -18.66
CA PRO B 124 -22.56 1.38 -17.83
C PRO B 124 -21.75 2.33 -18.68
N PHE B 125 -21.84 3.64 -18.39
CA PHE B 125 -21.11 4.69 -19.12
C PHE B 125 -21.76 5.07 -20.42
N ASP B 126 -22.81 4.35 -20.80
CA ASP B 126 -23.66 4.73 -21.95
C ASP B 126 -24.29 6.09 -21.74
N LYS B 127 -24.76 6.37 -20.53
CA LYS B 127 -25.46 7.61 -20.27
C LYS B 127 -25.42 7.98 -18.80
N PHE B 128 -25.12 9.25 -18.53
CA PHE B 128 -25.13 9.77 -17.18
C PHE B 128 -26.24 10.81 -17.11
N PHE B 129 -27.12 10.66 -16.12
CA PHE B 129 -28.18 11.65 -15.94
C PHE B 129 -27.72 12.55 -14.83
N ILE B 130 -27.63 13.84 -15.15
CA ILE B 130 -27.20 14.81 -14.16
C ILE B 130 -28.29 15.83 -13.81
N ASP B 131 -28.24 16.34 -12.60
CA ASP B 131 -29.18 17.35 -12.19
C ASP B 131 -28.69 17.98 -10.92
N TYR B 132 -29.22 19.16 -10.59
CA TYR B 132 -28.91 19.81 -9.31
C TYR B 132 -30.03 19.66 -8.31
N ILE B 133 -29.69 19.68 -7.04
CA ILE B 133 -30.65 19.71 -5.95
C ILE B 133 -30.26 20.86 -5.02
N GLY B 134 -31.22 21.74 -4.75
CA GLY B 134 -31.02 22.89 -3.86
C GLY B 134 -31.73 24.14 -4.34
N PRO B 135 -31.53 25.27 -3.65
CA PRO B 135 -30.59 25.51 -2.54
C PRO B 135 -30.89 24.70 -1.30
N LEU B 136 -29.85 24.31 -0.57
CA LEU B 136 -29.99 23.65 0.72
C LEU B 136 -29.48 24.55 1.84
N PRO B 137 -29.72 24.16 3.11
CA PRO B 137 -29.09 24.93 4.18
C PRO B 137 -27.57 24.79 4.10
N PRO B 138 -26.84 25.90 4.28
CA PRO B 138 -25.39 25.88 4.19
C PRO B 138 -24.77 24.74 4.97
N SER B 139 -23.90 23.97 4.33
CA SER B 139 -23.08 22.99 5.03
C SER B 139 -21.62 23.11 4.60
N GLN B 140 -20.76 23.46 5.56
CA GLN B 140 -19.35 23.76 5.27
C GLN B 140 -19.25 24.70 4.08
N GLY B 141 -20.22 25.62 3.96
CA GLY B 141 -20.23 26.61 2.90
C GLY B 141 -20.80 26.17 1.57
N TYR B 142 -21.25 24.92 1.48
CA TYR B 142 -21.87 24.38 0.26
C TYR B 142 -23.40 24.49 0.29
N LEU B 143 -24.00 24.67 -0.88
CA LEU B 143 -25.45 24.90 -1.00
C LEU B 143 -26.23 23.91 -1.88
N TYR B 144 -25.58 23.34 -2.89
CA TYR B 144 -26.27 22.48 -3.83
C TYR B 144 -25.64 21.10 -3.91
N VAL B 145 -26.29 20.18 -4.62
CA VAL B 145 -25.72 18.87 -4.87
C VAL B 145 -25.88 18.57 -6.35
N LEU B 146 -24.78 18.31 -7.04
CA LEU B 146 -24.88 17.79 -8.39
C LEU B 146 -25.10 16.30 -8.25
N VAL B 147 -26.08 15.76 -8.98
CA VAL B 147 -26.44 14.37 -8.88
C VAL B 147 -26.14 13.71 -10.20
N VAL B 148 -25.38 12.62 -10.16
CA VAL B 148 -25.07 11.90 -11.37
C VAL B 148 -25.50 10.46 -11.21
N VAL B 149 -26.31 10.00 -12.16
CA VAL B 149 -26.80 8.64 -12.09
C VAL B 149 -26.50 7.95 -13.39
N ASP B 150 -25.76 6.85 -13.31
CA ASP B 150 -25.55 6.04 -14.48
C ASP B 150 -26.88 5.37 -14.88
N GLY B 151 -27.21 5.43 -16.16
CA GLY B 151 -28.49 5.00 -16.68
C GLY B 151 -28.70 3.51 -16.59
N MET B 152 -27.67 2.74 -16.96
CA MET B 152 -27.78 1.30 -16.96
C MET B 152 -27.73 0.69 -15.54
N THR B 153 -26.81 1.15 -14.70
CA THR B 153 -26.61 0.54 -13.38
C THR B 153 -27.42 1.21 -12.26
N GLY B 154 -27.80 2.47 -12.46
CA GLY B 154 -28.44 3.23 -11.38
C GLY B 154 -27.46 3.73 -10.33
N PHE B 155 -26.16 3.54 -10.59
CA PHE B 155 -25.10 4.03 -9.71
C PHE B 155 -25.14 5.55 -9.62
N THR B 156 -24.95 6.05 -8.40
CA THR B 156 -25.10 7.47 -8.10
C THR B 156 -23.81 8.05 -7.53
N TRP B 157 -23.40 9.17 -8.10
CA TRP B 157 -22.36 10.00 -7.54
C TRP B 157 -22.99 11.34 -7.19
N LEU B 158 -22.63 11.86 -6.02
CA LEU B 158 -23.06 13.18 -5.57
C LEU B 158 -21.87 14.14 -5.41
N TYR B 159 -22.05 15.41 -5.79
CA TYR B 159 -21.00 16.43 -5.60
C TYR B 159 -21.61 17.70 -5.05
N PRO B 160 -21.10 18.16 -3.91
CA PRO B 160 -21.51 19.41 -3.27
C PRO B 160 -20.98 20.60 -4.05
N THR B 161 -21.83 21.56 -4.40
CA THR B 161 -21.36 22.78 -5.03
C THR B 161 -21.80 24.01 -4.26
N LYS B 162 -21.24 25.16 -4.62
CA LYS B 162 -21.63 26.44 -4.03
C LYS B 162 -22.72 27.14 -4.83
N ALA B 163 -22.93 26.66 -6.07
CA ALA B 163 -23.89 27.27 -6.97
C ALA B 163 -24.23 26.28 -8.07
N PRO B 164 -25.40 26.44 -8.71
CA PRO B 164 -25.71 25.65 -9.88
C PRO B 164 -25.10 26.25 -11.16
N SER B 165 -23.82 26.59 -11.13
CA SER B 165 -23.20 27.26 -12.28
C SER B 165 -22.52 26.28 -13.22
N THR B 166 -22.21 26.74 -14.43
CA THR B 166 -21.39 25.97 -15.36
C THR B 166 -20.05 25.65 -14.72
N SER B 167 -19.50 26.66 -14.05
CA SER B 167 -18.21 26.53 -13.38
C SER B 167 -18.18 25.39 -12.35
N ALA B 168 -19.16 25.37 -11.45
CA ALA B 168 -19.24 24.34 -10.41
C ALA B 168 -19.52 22.95 -10.98
N THR B 169 -20.20 22.92 -12.12
CA THR B 169 -20.56 21.69 -12.78
C THR B 169 -19.30 21.10 -13.39
N VAL B 170 -18.59 21.95 -14.14
CA VAL B 170 -17.30 21.58 -14.73
C VAL B 170 -16.28 21.11 -13.66
N LYS B 171 -16.13 21.84 -12.57
CA LYS B 171 -15.22 21.40 -11.52
C LYS B 171 -15.58 20.01 -11.01
N SER B 172 -16.85 19.80 -10.74
CA SER B 172 -17.33 18.53 -10.18
C SER B 172 -17.24 17.39 -11.18
N LEU B 173 -17.67 17.61 -12.42
CA LEU B 173 -17.59 16.56 -13.41
C LEU B 173 -16.17 16.23 -13.80
N ASN B 174 -15.24 17.15 -13.51
CA ASN B 174 -13.83 16.92 -13.76
C ASN B 174 -13.30 15.83 -12.87
N VAL B 175 -13.76 15.82 -11.62
CA VAL B 175 -13.45 14.75 -10.71
C VAL B 175 -14.01 13.45 -11.29
N LEU B 176 -15.32 13.39 -11.49
CA LEU B 176 -15.95 12.18 -11.96
C LEU B 176 -15.34 11.67 -13.26
N THR B 177 -15.08 12.56 -14.19
CA THR B 177 -14.65 12.13 -15.52
C THR B 177 -13.17 11.76 -15.53
N SER B 178 -12.51 11.88 -14.37
CA SER B 178 -11.15 11.39 -14.23
C SER B 178 -11.16 9.94 -13.70
N ILE B 179 -12.38 9.42 -13.49
CA ILE B 179 -12.58 8.03 -13.14
C ILE B 179 -13.22 7.31 -14.33
N ALA B 180 -14.33 7.83 -14.83
CA ALA B 180 -14.99 7.24 -16.00
C ALA B 180 -15.63 8.32 -16.83
N ILE B 181 -15.57 8.19 -18.15
CA ILE B 181 -16.19 9.16 -19.03
C ILE B 181 -17.44 8.55 -19.68
N PRO B 182 -18.59 9.25 -19.60
CA PRO B 182 -19.83 8.78 -20.20
C PRO B 182 -19.86 9.13 -21.66
N LYS B 183 -20.50 8.31 -22.50
CA LYS B 183 -20.71 8.66 -23.90
C LYS B 183 -21.66 9.86 -24.05
N VAL B 184 -22.71 9.89 -23.24
CA VAL B 184 -23.77 10.90 -23.32
C VAL B 184 -24.09 11.37 -21.93
N ILE B 185 -24.19 12.69 -21.75
CA ILE B 185 -24.77 13.25 -20.53
C ILE B 185 -26.18 13.73 -20.85
N HIS B 186 -27.14 13.40 -19.99
CA HIS B 186 -28.52 13.87 -20.15
C HIS B 186 -28.88 14.86 -19.04
N SER B 187 -29.49 15.97 -19.43
CA SER B 187 -29.95 16.95 -18.44
C SER B 187 -31.24 17.62 -18.89
N ASP B 188 -31.90 18.30 -17.96
CA ASP B 188 -32.91 19.29 -18.31
C ASP B 188 -32.20 20.51 -18.92
N GLN B 189 -32.92 21.58 -19.17
CA GLN B 189 -32.32 22.73 -19.83
C GLN B 189 -31.92 23.80 -18.83
N GLY B 190 -31.42 23.35 -17.67
CA GLY B 190 -30.79 24.23 -16.70
C GLY B 190 -29.74 25.12 -17.35
N ALA B 191 -29.58 26.34 -16.82
CA ALA B 191 -28.68 27.32 -17.41
C ALA B 191 -27.24 26.76 -17.46
N ALA B 192 -26.80 26.18 -16.33
CA ALA B 192 -25.50 25.53 -16.23
C ALA B 192 -25.24 24.50 -17.31
N PHE B 193 -26.27 23.85 -17.83
CA PHE B 193 -26.05 22.75 -18.77
C PHE B 193 -26.16 23.18 -20.21
N THR B 194 -26.77 24.34 -20.43
CA THR B 194 -27.01 24.83 -21.79
C THR B 194 -26.03 25.95 -22.19
N SER B 195 -25.24 26.43 -21.24
CA SER B 195 -24.15 27.37 -21.52
C SER B 195 -23.23 26.81 -22.59
N SER B 196 -22.66 27.67 -23.42
CA SER B 196 -21.72 27.19 -24.44
C SER B 196 -20.33 26.76 -23.85
N THR B 197 -19.99 27.27 -22.67
CA THR B 197 -18.86 26.74 -21.92
C THR B 197 -19.04 25.27 -21.62
N PHE B 198 -20.17 24.89 -21.02
CA PHE B 198 -20.41 23.49 -20.72
C PHE B 198 -20.42 22.68 -21.99
N ALA B 199 -20.89 23.26 -23.09
CA ALA B 199 -20.90 22.54 -24.36
C ALA B 199 -19.46 22.34 -24.83
N GLU B 200 -18.65 23.38 -24.65
CA GLU B 200 -17.26 23.33 -25.08
C GLU B 200 -16.53 22.21 -24.29
N TRP B 201 -16.78 22.18 -22.99
CA TRP B 201 -16.24 21.15 -22.11
C TRP B 201 -16.56 19.74 -22.57
N ALA B 202 -17.82 19.50 -22.95
CA ALA B 202 -18.23 18.17 -23.34
C ALA B 202 -17.60 17.80 -24.67
N LYS B 203 -17.53 18.77 -25.57
CA LYS B 203 -16.93 18.52 -26.87
C LYS B 203 -15.46 18.07 -26.73
N GLU B 204 -14.74 18.68 -25.79
CA GLU B 204 -13.34 18.32 -25.54
C GLU B 204 -13.20 16.87 -25.11
N ARG B 205 -14.18 16.36 -24.37
CA ARG B 205 -14.08 14.99 -23.91
C ARG B 205 -14.82 13.97 -24.77
N GLY B 206 -15.32 14.41 -25.93
CA GLY B 206 -16.06 13.56 -26.85
C GLY B 206 -17.36 13.06 -26.25
N ILE B 207 -17.96 13.88 -25.38
CA ILE B 207 -19.22 13.58 -24.70
C ILE B 207 -20.38 14.25 -25.43
N HIS B 208 -21.32 13.46 -25.94
CA HIS B 208 -22.50 14.03 -26.59
C HIS B 208 -23.46 14.56 -25.53
N LEU B 209 -23.86 15.82 -25.64
CA LEU B 209 -24.88 16.39 -24.73
C LEU B 209 -26.33 16.13 -25.19
N GLU B 210 -27.21 15.88 -24.22
CA GLU B 210 -28.62 15.54 -24.53
C GLU B 210 -29.54 16.18 -23.53
N PHE B 211 -30.55 16.87 -24.07
CA PHE B 211 -31.48 17.66 -23.27
C PHE B 211 -32.91 17.17 -23.40
N SER B 212 -33.59 17.13 -22.27
CA SER B 212 -35.02 16.94 -22.27
C SER B 212 -35.67 18.26 -22.67
N THR B 213 -36.84 18.20 -23.29
CA THR B 213 -37.54 19.41 -23.71
C THR B 213 -37.97 20.24 -22.48
N PRO B 214 -38.05 21.57 -22.62
CA PRO B 214 -38.39 22.40 -21.44
C PRO B 214 -39.74 22.01 -20.82
N TYR B 215 -39.81 22.11 -19.49
CA TYR B 215 -41.02 21.79 -18.72
C TYR B 215 -41.49 20.33 -18.80
N HIS B 216 -40.86 19.51 -19.66
CA HIS B 216 -41.17 18.07 -19.76
C HIS B 216 -39.93 17.17 -19.57
N PRO B 217 -39.46 17.02 -18.30
CA PRO B 217 -38.29 16.18 -17.99
C PRO B 217 -38.55 14.68 -18.21
N GLN B 218 -37.68 14.03 -18.98
CA GLN B 218 -37.76 12.58 -19.12
C GLN B 218 -36.39 11.95 -18.92
N SER B 219 -36.38 10.84 -18.17
CA SER B 219 -35.17 10.07 -17.89
C SER B 219 -35.45 8.66 -18.37
N SER B 220 -35.62 7.78 -17.39
CA SER B 220 -36.16 6.44 -17.56
C SER B 220 -36.74 6.10 -16.18
N GLY B 221 -37.59 5.05 -16.12
CA GLY B 221 -38.17 4.61 -14.86
C GLY B 221 -37.12 4.45 -13.78
N LYS B 222 -36.09 3.68 -14.10
CA LYS B 222 -34.98 3.43 -13.17
C LYS B 222 -34.39 4.74 -12.61
N VAL B 223 -34.09 5.67 -13.50
CA VAL B 223 -33.49 6.94 -13.10
C VAL B 223 -34.48 7.84 -12.33
N GLU B 224 -35.72 7.91 -12.78
CA GLU B 224 -36.76 8.68 -12.09
C GLU B 224 -36.95 8.18 -10.66
N ARG B 225 -37.11 6.86 -10.55
CA ARG B 225 -37.19 6.20 -9.25
C ARG B 225 -35.96 6.50 -8.39
N LYS B 226 -34.77 6.42 -9.00
CA LYS B 226 -33.53 6.67 -8.26
C LYS B 226 -33.47 8.09 -7.74
N ASN B 227 -33.82 9.06 -8.58
CA ASN B 227 -33.80 10.47 -8.17
C ASN B 227 -34.77 10.78 -7.05
N SER B 228 -35.88 10.06 -7.03
CA SER B 228 -36.89 10.17 -5.99
C SER B 228 -36.29 9.71 -4.65
N ASP B 229 -35.66 8.54 -4.66
CA ASP B 229 -34.98 8.01 -3.47
C ASP B 229 -34.00 9.02 -2.91
N ILE B 230 -33.23 9.68 -3.79
CA ILE B 230 -32.19 10.63 -3.39
C ILE B 230 -32.81 11.82 -2.69
N LYS B 231 -33.80 12.47 -3.32
CA LYS B 231 -34.51 13.59 -2.68
C LYS B 231 -35.09 13.18 -1.31
N ARG B 232 -35.77 12.04 -1.25
CA ARG B 232 -36.36 11.60 0.00
C ARG B 232 -35.31 11.25 1.04
N LEU B 233 -34.28 10.50 0.64
CA LEU B 233 -33.21 10.13 1.56
C LEU B 233 -32.52 11.36 2.15
N LEU B 234 -32.21 12.34 1.31
CA LEU B 234 -31.61 13.59 1.78
C LEU B 234 -32.48 14.24 2.85
N THR B 235 -33.75 14.46 2.50
CA THR B 235 -34.73 15.12 3.40
C THR B 235 -34.78 14.44 4.75
N LYS B 236 -34.86 13.10 4.75
CA LYS B 236 -34.93 12.35 5.99
C LYS B 236 -33.74 12.64 6.89
N LEU B 237 -32.55 12.67 6.29
CA LEU B 237 -31.35 12.79 7.12
C LEU B 237 -30.98 14.24 7.46
N LEU B 238 -31.33 15.17 6.58
CA LEU B 238 -31.14 16.58 6.88
C LEU B 238 -31.92 17.02 8.14
N VAL B 239 -33.22 16.69 8.25
CA VAL B 239 -34.00 17.06 9.45
C VAL B 239 -33.32 16.62 10.75
N GLY B 240 -33.32 17.51 11.75
CA GLY B 240 -32.54 17.31 12.98
C GLY B 240 -31.11 17.85 12.86
N ARG B 241 -30.49 17.66 11.68
CA ARG B 241 -29.13 18.14 11.40
C ARG B 241 -29.01 18.81 10.02
N PRO B 242 -29.81 19.88 9.77
CA PRO B 242 -29.96 20.42 8.40
C PRO B 242 -28.66 20.99 7.83
N THR B 243 -27.66 21.06 8.70
CA THR B 243 -26.44 21.79 8.45
C THR B 243 -25.23 20.84 8.34
N LYS B 244 -25.45 19.58 8.68
CA LYS B 244 -24.36 18.60 8.75
C LYS B 244 -24.35 17.63 7.56
N TRP B 245 -25.04 17.99 6.47
CA TRP B 245 -25.22 17.07 5.34
C TRP B 245 -23.98 16.83 4.49
N TYR B 246 -23.06 17.80 4.46
CA TYR B 246 -21.82 17.65 3.73
C TYR B 246 -21.09 16.37 4.14
N ASP B 247 -20.97 16.15 5.44
CA ASP B 247 -20.29 14.96 5.95
C ASP B 247 -21.03 13.68 5.64
N LEU B 248 -22.32 13.80 5.38
CA LEU B 248 -23.16 12.63 5.20
C LEU B 248 -23.24 12.12 3.77
N LEU B 249 -22.77 12.93 2.82
CA LEU B 249 -22.78 12.53 1.42
C LEU B 249 -22.17 11.14 1.15
N PRO B 250 -20.96 10.87 1.69
CA PRO B 250 -20.43 9.52 1.45
C PRO B 250 -21.40 8.39 1.84
N VAL B 251 -21.97 8.44 3.05
CA VAL B 251 -22.87 7.37 3.48
C VAL B 251 -24.17 7.33 2.67
N VAL B 252 -24.68 8.50 2.31
CA VAL B 252 -25.85 8.58 1.45
C VAL B 252 -25.61 7.79 0.20
N GLN B 253 -24.45 7.99 -0.42
CA GLN B 253 -24.11 7.30 -1.67
C GLN B 253 -24.01 5.81 -1.51
N LEU B 254 -23.40 5.35 -0.42
CA LEU B 254 -23.19 3.91 -0.25
C LEU B 254 -24.54 3.24 -0.09
N ALA B 255 -25.44 3.95 0.60
CA ALA B 255 -26.81 3.51 0.79
C ALA B 255 -27.47 3.34 -0.58
N LEU B 256 -27.54 4.43 -1.34
CA LEU B 256 -28.20 4.39 -2.63
C LEU B 256 -27.62 3.32 -3.53
N ASN B 257 -26.32 3.09 -3.44
CA ASN B 257 -25.63 2.24 -4.41
C ASN B 257 -25.63 0.79 -3.99
N ASN B 258 -25.89 0.56 -2.71
CA ASN B 258 -26.06 -0.79 -2.21
C ASN B 258 -27.53 -1.09 -1.87
N THR B 259 -28.42 -0.39 -2.57
CA THR B 259 -29.86 -0.61 -2.44
C THR B 259 -30.36 -1.50 -3.56
N TYR B 260 -31.09 -2.53 -3.16
CA TYR B 260 -31.61 -3.55 -4.08
C TYR B 260 -32.65 -2.98 -5.05
N SER B 261 -32.46 -3.27 -6.34
CA SER B 261 -33.40 -2.90 -7.42
C SER B 261 -34.45 -4.00 -7.61
N PRO B 262 -35.73 -3.73 -7.25
CA PRO B 262 -36.81 -4.71 -7.45
C PRO B 262 -36.85 -5.29 -8.87
N VAL B 263 -36.69 -4.42 -9.87
CA VAL B 263 -36.77 -4.80 -11.31
C VAL B 263 -35.62 -5.70 -11.77
N LEU B 264 -34.38 -5.27 -11.54
CA LEU B 264 -33.22 -6.12 -11.75
C LEU B 264 -32.94 -6.93 -10.48
N LYS B 265 -32.19 -8.01 -10.60
CA LYS B 265 -31.91 -8.80 -9.41
C LYS B 265 -30.82 -8.14 -8.53
N TYR B 266 -30.28 -6.99 -8.96
CA TYR B 266 -29.01 -6.52 -8.40
C TYR B 266 -28.97 -5.06 -7.96
N THR B 267 -28.08 -4.75 -7.01
CA THR B 267 -27.76 -3.36 -6.63
C THR B 267 -26.87 -2.69 -7.69
N PRO B 268 -26.87 -1.36 -7.76
CA PRO B 268 -25.97 -0.65 -8.68
C PRO B 268 -24.51 -1.02 -8.44
N HIS B 269 -24.10 -1.11 -7.18
CA HIS B 269 -22.78 -1.62 -6.88
C HIS B 269 -22.52 -2.90 -7.64
N GLN B 270 -23.41 -3.88 -7.51
CA GLN B 270 -23.20 -5.17 -8.14
C GLN B 270 -23.08 -5.06 -9.66
N LEU B 271 -23.87 -4.19 -10.26
CA LEU B 271 -23.86 -4.04 -11.72
C LEU B 271 -22.63 -3.30 -12.26
N LEU B 272 -22.13 -2.37 -11.45
CA LEU B 272 -20.96 -1.60 -11.83
C LEU B 272 -19.69 -2.45 -11.73
N PHE B 273 -19.54 -3.19 -10.64
CA PHE B 273 -18.29 -3.88 -10.34
C PHE B 273 -18.31 -5.38 -10.53
N GLY B 274 -19.49 -5.98 -10.63
CA GLY B 274 -19.62 -7.44 -10.81
C GLY B 274 -19.24 -8.26 -9.57
N ILE B 275 -19.48 -7.68 -8.38
CA ILE B 275 -19.16 -8.33 -7.10
C ILE B 275 -20.09 -7.85 -5.99
N ASP B 276 -20.23 -8.63 -4.92
CA ASP B 276 -20.95 -8.16 -3.74
C ASP B 276 -20.13 -7.05 -3.11
N SER B 277 -20.74 -6.30 -2.20
CA SER B 277 -20.10 -5.15 -1.60
C SER B 277 -19.70 -5.46 -0.16
N ASN B 278 -18.78 -4.74 0.43
CA ASN B 278 -18.44 -5.01 1.82
C ASN B 278 -19.35 -4.23 2.77
N THR B 279 -20.24 -3.45 2.19
CA THR B 279 -21.27 -2.75 2.95
C THR B 279 -22.63 -3.04 2.31
N PRO B 280 -23.21 -4.21 2.63
CA PRO B 280 -24.56 -4.52 2.15
C PRO B 280 -25.57 -3.84 3.08
N PHE B 281 -26.47 -3.04 2.53
CA PHE B 281 -27.44 -2.35 3.39
C PHE B 281 -28.68 -3.22 3.56
N ALA B 282 -28.62 -4.09 4.56
CA ALA B 282 -29.57 -5.19 4.74
C ALA B 282 -30.97 -4.68 5.12
N ASN B 283 -31.00 -3.63 5.94
CA ASN B 283 -32.24 -2.92 6.27
C ASN B 283 -32.76 -2.09 5.08
N GLN B 284 -33.67 -2.68 4.30
CA GLN B 284 -34.53 -1.90 3.41
C GLN B 284 -35.29 -0.95 4.36
N ASP B 285 -34.98 0.34 4.26
CA ASP B 285 -35.30 1.29 5.34
C ASP B 285 -36.71 1.92 5.25
N THR B 286 -37.09 2.66 6.30
CA THR B 286 -38.38 3.37 6.33
C THR B 286 -38.43 4.42 5.22
N LEU B 287 -37.41 5.30 5.19
CA LEU B 287 -37.31 6.38 4.21
C LEU B 287 -38.43 7.40 4.37
N ASP B 288 -39.48 7.01 5.10
CA ASP B 288 -40.60 7.88 5.42
C ASP B 288 -40.35 8.61 6.73
N LEU B 289 -40.89 9.81 6.82
CA LEU B 289 -40.77 10.67 7.99
C LEU B 289 -41.62 10.13 9.16
N THR B 290 -40.97 9.87 10.30
CA THR B 290 -41.68 9.47 11.53
C THR B 290 -42.44 10.68 12.08
N ARG B 291 -43.51 10.43 12.83
CA ARG B 291 -44.39 11.50 13.32
C ARG B 291 -43.61 12.64 14.02
N GLU B 292 -42.55 12.27 14.74
CA GLU B 292 -41.62 13.22 15.36
C GLU B 292 -40.97 14.14 14.33
N GLU B 293 -40.36 13.54 13.30
CA GLU B 293 -39.64 14.27 12.24
C GLU B 293 -40.54 15.18 11.41
N GLU B 294 -41.81 14.78 11.28
CA GLU B 294 -42.81 15.58 10.58
C GLU B 294 -42.98 16.94 11.25
N LEU B 295 -43.12 16.94 12.57
CA LEU B 295 -43.25 18.17 13.35
C LEU B 295 -41.92 18.92 13.53
N SER B 296 -40.82 18.18 13.58
CA SER B 296 -39.47 18.78 13.64
C SER B 296 -39.16 19.56 12.37
N LEU B 297 -39.68 19.09 11.24
CA LEU B 297 -39.53 19.76 9.94
C LEU B 297 -40.46 20.97 9.80
N LEU B 298 -41.65 20.89 10.41
CA LEU B 298 -42.59 22.02 10.44
C LEU B 298 -42.18 23.10 11.48
N GLN B 299 -41.13 22.81 12.25
CA GLN B 299 -40.52 23.77 13.20
C GLN B 299 -39.29 24.51 12.60
N GLU B 300 -38.58 23.84 11.69
CA GLU B 300 -37.42 24.42 11.00
C GLU B 300 -37.80 25.45 9.93
N ILE B 301 -38.91 25.21 9.24
CA ILE B 301 -39.46 26.13 8.23
C ILE B 301 -40.01 27.44 8.82
N ARG B 302 -40.51 27.39 10.05
CA ARG B 302 -41.15 28.53 10.71
C ARG B 302 -40.19 29.68 11.05
#